data_1ZIG
#
_entry.id   1ZIG
#
_cell.length_a   1.000
_cell.length_b   1.000
_cell.length_c   1.000
_cell.angle_alpha   90.00
_cell.angle_beta   90.00
_cell.angle_gamma   90.00
#
_symmetry.space_group_name_H-M   'P 1'
#
_entity_poly.entity_id   1
_entity_poly.type   'polyribonucleotide'
_entity_poly.pdbx_seq_one_letter_code
;GGGCGAGAGCCU
;
_entity_poly.pdbx_strand_id   A
#